data_2F4Q
#
_entry.id   2F4Q
#
_cell.length_a   38.094
_cell.length_b   64.966
_cell.length_c   76.622
_cell.angle_alpha   90.00
_cell.angle_beta   91.78
_cell.angle_gamma   90.00
#
_symmetry.space_group_name_H-M   'P 1 21 1'
#
loop_
_entity.id
_entity.type
_entity.pdbx_description
1 polymer 'type I topoisomerase, putative'
2 water water
#
_entity_poly.entity_id   1
_entity_poly.type   'polypeptide(L)'
_entity_poly.pdbx_seq_one_letter_code
;(MSE)PSRTELLAEEYLRREGHDPQKFRYVHPDGTPYTDADGLARIARLAVPPAYQDVYVSPDAENELQAFGRDAAGRLQ
YRYHPDFVQAGALKKWQRLTRFAGALPTLKVATTADLRASGLPPRKV(MSE)AL(MSE)TRLLHVARFRVGSDIYARQHK
TYGLSTLRQRHVVVDGNTVTFRFKGKHGVSQHKATSDRTLAAN(MSE)QKLLDLPGPWLFQTVDAGGGERRRIHSTELNA
YLREVIGPFTAKDFRTWGGTLLAAEYLAQQGTESSERQAKKVLVDCVKFVADDLGNTPAVTRGSYICPVIFDRYLDGKVL
DDYEPRTERQEAELEGLTRSEGALKR(MSE)LESERTLRQRGRALK
;
_entity_poly.pdbx_strand_id   A
#
# COMPACT_ATOMS: atom_id res chain seq x y z
N PRO A 2 3.54 -5.82 16.82
CA PRO A 2 2.14 -6.17 16.99
C PRO A 2 1.35 -6.13 15.69
N SER A 3 0.14 -6.70 15.71
CA SER A 3 -0.77 -6.56 14.58
C SER A 3 -1.38 -5.16 14.59
N ARG A 4 -2.05 -4.81 13.50
CA ARG A 4 -2.68 -3.50 13.35
C ARG A 4 -3.66 -3.18 14.48
N THR A 5 -4.58 -4.11 14.74
CA THR A 5 -5.62 -3.90 15.76
C THR A 5 -5.04 -3.86 17.17
N GLU A 6 -3.98 -4.64 17.39
CA GLU A 6 -3.24 -4.61 18.67
C GLU A 6 -2.54 -3.27 18.87
N LEU A 7 -1.97 -2.75 17.79
CA LEU A 7 -1.31 -1.44 17.81
C LEU A 7 -2.32 -0.32 18.09
N LEU A 8 -3.51 -0.44 17.49
CA LEU A 8 -4.58 0.55 17.68
C LEU A 8 -5.33 0.37 19.00
N ALA A 9 -5.25 -0.82 19.58
CA ALA A 9 -5.94 -1.13 20.85
C ALA A 9 -5.38 -0.33 22.03
N GLU A 10 -4.13 0.09 21.92
CA GLU A 10 -3.47 0.91 22.94
C GLU A 10 -3.84 2.39 22.78
N GLU A 11 -4.62 2.69 21.76
CA GLU A 11 -4.98 4.06 21.39
C GLU A 11 -6.50 4.28 21.40
N TYR A 12 -7.24 3.26 20.93
CA TYR A 12 -8.68 3.38 20.71
C TYR A 12 -9.52 3.25 21.98
N LEU A 13 -10.76 3.73 21.91
CA LEU A 13 -11.73 3.63 23.00
C LEU A 13 -12.36 2.25 23.02
N ARG A 14 -12.43 1.64 24.20
CA ARG A 14 -12.98 0.30 24.36
C ARG A 14 -14.45 0.37 24.75
N ARG A 15 -15.30 -0.32 23.98
CA ARG A 15 -16.73 -0.39 24.25
C ARG A 15 -17.00 -1.34 25.40
N GLU A 16 -17.81 -0.87 26.36
CA GLU A 16 -18.14 -1.65 27.55
C GLU A 16 -19.62 -2.02 27.56
N PRO A 20 -24.23 0.40 27.81
CA PRO A 20 -23.48 0.67 26.58
C PRO A 20 -22.66 1.95 26.70
N GLN A 21 -21.44 1.80 27.23
CA GLN A 21 -20.58 2.95 27.52
C GLN A 21 -19.17 2.79 26.94
N LYS A 22 -18.51 3.92 26.69
CA LYS A 22 -17.17 3.96 26.11
C LYS A 22 -16.16 4.39 27.15
N PHE A 23 -14.94 3.86 27.04
CA PHE A 23 -13.86 4.19 27.98
C PHE A 23 -12.49 4.16 27.33
N ARG A 24 -11.58 4.98 27.85
CA ARG A 24 -10.21 5.09 27.35
C ARG A 24 -9.37 3.89 27.76
N LEU A 39 -19.24 12.18 19.46
CA LEU A 39 -20.11 11.54 20.45
C LEU A 39 -21.24 10.75 19.76
N ALA A 40 -21.95 11.41 18.86
CA ALA A 40 -23.01 10.77 18.08
C ALA A 40 -22.44 10.04 16.86
N ARG A 41 -21.18 10.36 16.54
CA ARG A 41 -20.45 9.73 15.44
C ARG A 41 -20.31 8.22 15.63
N ILE A 42 -20.04 7.79 16.86
CA ILE A 42 -19.91 6.38 17.21
C ILE A 42 -21.23 5.63 17.00
N ALA A 43 -22.34 6.26 17.38
CA ALA A 43 -23.67 5.66 17.25
C ALA A 43 -24.08 5.49 15.79
N ARG A 44 -23.62 6.38 14.92
CA ARG A 44 -23.92 6.32 13.48
C ARG A 44 -23.31 5.12 12.80
N LEU A 45 -22.18 4.63 13.34
CA LEU A 45 -21.47 3.48 12.79
C LEU A 45 -22.30 2.19 12.85
N ALA A 46 -23.24 2.13 13.79
CA ALA A 46 -24.10 0.97 14.00
C ALA A 46 -23.31 -0.34 14.11
N VAL A 47 -22.34 -0.35 15.04
CA VAL A 47 -21.55 -1.54 15.32
C VAL A 47 -22.41 -2.55 16.08
N PRO A 48 -22.64 -3.73 15.48
CA PRO A 48 -23.53 -4.74 16.08
C PRO A 48 -23.20 -4.98 17.55
N PRO A 49 -24.21 -4.84 18.43
CA PRO A 49 -24.00 -4.89 19.89
C PRO A 49 -23.42 -6.21 20.37
N ALA A 50 -23.72 -7.31 19.68
CA ALA A 50 -23.25 -8.65 20.07
C ALA A 50 -21.75 -8.89 19.83
N TYR A 51 -21.09 -7.94 19.17
CA TYR A 51 -19.66 -8.04 18.87
C TYR A 51 -18.79 -7.91 20.13
N GLN A 52 -17.69 -8.68 20.16
CA GLN A 52 -16.82 -8.71 21.33
C GLN A 52 -15.53 -7.92 21.14
N ASP A 53 -14.99 -7.44 22.26
CA ASP A 53 -13.76 -6.63 22.33
C ASP A 53 -13.75 -5.54 21.27
N VAL A 54 -14.78 -4.70 21.30
CA VAL A 54 -14.99 -3.65 20.31
C VAL A 54 -14.18 -2.41 20.69
N TYR A 55 -13.31 -1.99 19.79
CA TYR A 55 -12.59 -0.74 19.91
C TYR A 55 -13.10 0.24 18.87
N VAL A 56 -13.32 1.48 19.31
CA VAL A 56 -13.85 2.54 18.46
C VAL A 56 -12.91 3.74 18.54
N SER A 57 -12.79 4.47 17.43
CA SER A 57 -11.87 5.58 17.32
C SER A 57 -12.28 6.80 18.13
N PRO A 58 -11.34 7.37 18.91
CA PRO A 58 -11.55 8.66 19.58
C PRO A 58 -11.33 9.84 18.64
N ASP A 59 -10.64 9.60 17.53
CA ASP A 59 -10.38 10.60 16.51
C ASP A 59 -11.32 10.40 15.31
N ALA A 60 -11.99 11.47 14.93
CA ALA A 60 -12.98 11.43 13.84
C ALA A 60 -12.36 11.25 12.47
N GLU A 61 -11.07 11.54 12.35
CA GLU A 61 -10.36 11.46 11.07
C GLU A 61 -9.92 10.07 10.64
N ASN A 62 -9.70 9.18 11.61
CA ASN A 62 -9.23 7.81 11.34
C ASN A 62 -10.07 7.08 10.29
N GLU A 63 -9.39 6.42 9.35
CA GLU A 63 -10.05 5.66 8.29
C GLU A 63 -10.77 4.45 8.85
N LEU A 64 -10.14 3.80 9.81
CA LEU A 64 -10.73 2.70 10.55
C LEU A 64 -11.39 3.28 11.81
N GLN A 65 -12.71 3.35 11.79
CA GLN A 65 -13.47 4.00 12.86
C GLN A 65 -13.84 3.07 14.00
N ALA A 66 -14.07 1.80 13.66
CA ALA A 66 -14.38 0.77 14.64
C ALA A 66 -13.89 -0.59 14.17
N PHE A 67 -13.46 -1.41 15.13
CA PHE A 67 -13.21 -2.83 14.89
C PHE A 67 -13.61 -3.66 16.10
N GLY A 68 -13.94 -4.92 15.85
CA GLY A 68 -14.36 -5.85 16.88
C GLY A 68 -14.43 -7.25 16.34
N ARG A 69 -14.77 -8.20 17.21
CA ARG A 69 -14.87 -9.62 16.85
C ARG A 69 -16.34 -10.02 16.73
N ASP A 70 -16.68 -10.74 15.67
CA ASP A 70 -18.05 -11.24 15.51
C ASP A 70 -18.26 -12.54 16.29
N ALA A 71 -19.36 -13.23 16.02
CA ALA A 71 -19.72 -14.44 16.76
C ALA A 71 -18.90 -15.67 16.38
N ALA A 72 -18.10 -15.54 15.32
CA ALA A 72 -17.21 -16.60 14.87
C ALA A 72 -15.74 -16.26 15.16
N GLY A 73 -15.52 -15.23 15.96
CA GLY A 73 -14.18 -14.76 16.31
C GLY A 73 -13.42 -14.14 15.16
N ARG A 74 -14.16 -13.52 14.23
CA ARG A 74 -13.54 -12.86 13.08
C ARG A 74 -13.56 -11.35 13.23
N LEU A 75 -12.49 -10.69 12.79
CA LEU A 75 -12.43 -9.24 12.83
C LEU A 75 -13.43 -8.61 11.88
N GLN A 76 -14.11 -7.57 12.36
CA GLN A 76 -15.06 -6.81 11.56
C GLN A 76 -14.76 -5.32 11.70
N TYR A 77 -14.99 -4.59 10.62
CA TYR A 77 -14.58 -3.19 10.55
C TYR A 77 -15.70 -2.27 10.13
N ARG A 78 -15.66 -1.06 10.67
CA ARG A 78 -16.50 0.03 10.23
C ARG A 78 -15.55 1.16 9.85
N TYR A 79 -15.74 1.69 8.65
CA TYR A 79 -14.85 2.72 8.14
C TYR A 79 -15.47 4.11 8.22
N HIS A 80 -14.61 5.12 8.10
CA HIS A 80 -15.05 6.50 7.92
C HIS A 80 -16.03 6.54 6.75
N PRO A 81 -17.16 7.25 6.92
CA PRO A 81 -18.15 7.39 5.84
C PRO A 81 -17.57 7.86 4.50
N ASP A 82 -16.48 8.61 4.51
CA ASP A 82 -15.81 9.06 3.28
C ASP A 82 -15.38 7.92 2.36
N PHE A 83 -15.22 6.73 2.94
CA PHE A 83 -14.78 5.56 2.18
C PHE A 83 -15.94 4.68 1.71
N VAL A 84 -17.12 4.94 2.26
CA VAL A 84 -18.33 4.19 1.90
C VAL A 84 -19.29 5.03 1.04
N GLN A 85 -19.15 6.34 1.12
CA GLN A 85 -19.96 7.28 0.32
C GLN A 85 -19.45 7.33 -1.11
N ALA A 86 -20.39 7.35 -2.06
CA ALA A 86 -20.08 7.34 -3.49
C ALA A 86 -19.37 8.62 -3.94
N GLY A 87 -18.08 8.48 -4.23
CA GLY A 87 -17.25 9.59 -4.72
C GLY A 87 -17.03 10.69 -3.71
N ALA A 88 -16.80 10.29 -2.45
CA ALA A 88 -16.63 11.24 -1.36
C ALA A 88 -15.23 11.87 -1.36
N LEU A 89 -14.27 11.14 -1.92
CA LEU A 89 -12.88 11.58 -1.89
C LEU A 89 -12.29 11.76 -3.28
N LYS A 90 -11.63 12.89 -3.48
CA LYS A 90 -10.80 13.12 -4.66
C LYS A 90 -9.60 12.18 -4.58
N LYS A 91 -8.96 11.90 -5.71
CA LYS A 91 -7.83 10.98 -5.70
C LYS A 91 -6.72 11.46 -4.78
N TRP A 92 -6.44 12.76 -4.79
CA TRP A 92 -5.40 13.33 -3.94
C TRP A 92 -5.74 13.14 -2.45
N GLN A 93 -7.03 13.22 -2.11
CA GLN A 93 -7.48 13.01 -0.72
C GLN A 93 -7.26 11.56 -0.29
N ARG A 94 -7.63 10.63 -1.16
CA ARG A 94 -7.45 9.21 -0.87
C ARG A 94 -5.97 8.89 -0.70
N LEU A 95 -5.13 9.48 -1.56
CA LEU A 95 -3.68 9.23 -1.52
C LEU A 95 -3.01 9.77 -0.25
N THR A 96 -3.43 10.95 0.21
CA THR A 96 -2.85 11.50 1.44
C THR A 96 -3.22 10.63 2.63
N ARG A 97 -4.46 10.16 2.65
CA ARG A 97 -4.89 9.24 3.70
C ARG A 97 -4.14 7.91 3.62
N PHE A 98 -3.91 7.42 2.39
CA PHE A 98 -3.13 6.20 2.20
C PHE A 98 -1.72 6.33 2.79
N ALA A 99 -1.07 7.46 2.50
CA ALA A 99 0.27 7.75 3.05
C ALA A 99 0.23 7.70 4.58
N GLY A 100 -0.84 8.19 5.17
CA GLY A 100 -1.06 8.09 6.62
C GLY A 100 -1.18 6.67 7.16
N ALA A 101 -1.51 5.72 6.28
CA ALA A 101 -1.65 4.31 6.65
C ALA A 101 -0.36 3.48 6.49
N LEU A 102 0.61 4.01 5.73
CA LEU A 102 1.84 3.28 5.43
C LEU A 102 2.72 2.93 6.65
N PRO A 103 2.92 3.87 7.60
CA PRO A 103 3.69 3.51 8.78
C PRO A 103 3.11 2.30 9.53
N THR A 104 1.79 2.29 9.74
CA THR A 104 1.11 1.17 10.41
C THR A 104 1.25 -0.13 9.64
N LEU A 105 1.11 -0.07 8.32
CA LEU A 105 1.37 -1.21 7.46
C LEU A 105 2.77 -1.80 7.69
N LYS A 106 3.77 -0.94 7.79
CA LYS A 106 5.16 -1.37 8.02
C LYS A 106 5.30 -2.15 9.34
N VAL A 107 4.65 -1.65 10.39
CA VAL A 107 4.63 -2.33 11.70
C VAL A 107 3.97 -3.70 11.59
N ALA A 108 2.81 -3.77 10.96
CA ALA A 108 2.01 -5.00 10.84
C ALA A 108 2.73 -6.10 10.06
N THR A 109 3.33 -5.75 8.93
CA THR A 109 4.02 -6.72 8.09
C THR A 109 5.30 -7.25 8.75
N THR A 110 6.03 -6.36 9.43
CA THR A 110 7.23 -6.76 10.19
C THR A 110 6.90 -7.78 11.26
N ALA A 111 5.79 -7.56 11.98
CA ALA A 111 5.34 -8.52 12.99
C ALA A 111 5.17 -9.91 12.40
N ASP A 112 4.58 -9.97 11.21
CA ASP A 112 4.34 -11.25 10.53
C ASP A 112 5.59 -11.85 9.91
N LEU A 113 6.52 -10.98 9.51
CA LEU A 113 7.76 -11.41 8.87
C LEU A 113 8.78 -12.00 9.87
N ARG A 114 8.61 -11.68 11.15
CA ARG A 114 9.51 -12.20 12.19
C ARG A 114 9.19 -13.64 12.58
N ALA A 115 8.07 -14.15 12.08
CA ALA A 115 7.68 -15.55 12.30
C ALA A 115 8.69 -16.51 11.68
N SER A 116 8.80 -17.69 12.27
CA SER A 116 9.75 -18.70 11.83
C SER A 116 9.20 -19.50 10.66
N GLY A 117 10.06 -19.83 9.71
CA GLY A 117 9.69 -20.68 8.57
C GLY A 117 8.88 -19.95 7.52
N LEU A 118 7.86 -20.62 6.98
CA LEU A 118 7.00 -19.98 5.98
C LEU A 118 5.51 -20.14 6.27
N PRO A 119 5.02 -19.60 7.41
CA PRO A 119 3.60 -19.68 7.71
C PRO A 119 2.81 -18.71 6.81
N PRO A 120 1.49 -18.95 6.64
CA PRO A 120 0.69 -18.15 5.69
C PRO A 120 0.87 -16.64 5.84
N ARG A 121 0.78 -16.12 7.07
CA ARG A 121 0.87 -14.67 7.28
C ARG A 121 2.23 -14.08 6.91
N LYS A 122 3.30 -14.84 7.12
CA LYS A 122 4.65 -14.42 6.73
C LYS A 122 4.77 -14.30 5.21
N VAL A 123 4.23 -15.29 4.50
CA VAL A 123 4.27 -15.27 3.02
C VAL A 123 3.40 -14.14 2.49
N ALA A 125 2.73 -11.34 4.15
CA ALA A 125 3.47 -10.11 4.50
C ALA A 125 4.56 -9.82 3.45
N LEU A 126 5.27 -10.87 3.05
CA LEU A 126 6.27 -10.76 1.98
C LEU A 126 5.65 -10.26 0.67
N THR A 128 2.80 -8.63 0.38
CA THR A 128 2.33 -7.25 0.60
C THR A 128 3.47 -6.25 0.42
N ARG A 129 4.62 -6.59 0.98
CA ARG A 129 5.82 -5.77 0.81
C ARG A 129 6.19 -5.59 -0.65
N LEU A 130 6.03 -6.66 -1.44
CA LEU A 130 6.29 -6.62 -2.87
C LEU A 130 5.27 -5.77 -3.62
N LEU A 131 3.99 -5.89 -3.26
CA LEU A 131 2.96 -4.99 -3.82
C LEU A 131 3.35 -3.54 -3.58
N HIS A 132 3.83 -3.26 -2.37
CA HIS A 132 4.21 -1.90 -2.02
C HIS A 132 5.44 -1.40 -2.79
N VAL A 133 6.55 -2.12 -2.66
CA VAL A 133 7.83 -1.67 -3.21
C VAL A 133 7.94 -1.81 -4.74
N ALA A 134 7.21 -2.77 -5.32
CA ALA A 134 7.34 -3.04 -6.76
C ALA A 134 6.06 -2.81 -7.58
N ARG A 135 4.96 -2.49 -6.90
CA ARG A 135 3.73 -2.04 -7.58
C ARG A 135 3.10 -3.12 -8.45
N PHE A 136 3.27 -4.39 -8.05
CA PHE A 136 2.65 -5.48 -8.78
C PHE A 136 1.14 -5.44 -8.68
N ARG A 137 0.48 -5.97 -9.72
CA ARG A 137 -0.92 -6.35 -9.60
C ARG A 137 -0.99 -7.65 -8.80
N VAL A 138 -2.12 -7.89 -8.17
CA VAL A 138 -2.34 -9.13 -7.42
C VAL A 138 -2.60 -10.29 -8.39
N THR A 149 -0.45 -15.38 -18.80
CA THR A 149 -0.18 -14.11 -18.12
C THR A 149 -0.27 -14.24 -16.60
N TYR A 150 0.39 -13.33 -15.88
CA TYR A 150 0.59 -13.49 -14.45
C TYR A 150 0.46 -12.19 -13.65
N GLY A 151 0.14 -12.35 -12.37
CA GLY A 151 0.21 -11.25 -11.40
C GLY A 151 0.99 -11.81 -10.22
N LEU A 152 1.15 -11.02 -9.17
CA LEU A 152 1.94 -11.49 -8.02
C LEU A 152 1.50 -12.86 -7.47
N SER A 153 0.21 -13.05 -7.27
CA SER A 153 -0.29 -14.29 -6.67
C SER A 153 -0.21 -15.52 -7.59
N THR A 154 0.10 -15.30 -8.86
CA THR A 154 0.18 -16.39 -9.83
C THR A 154 1.59 -16.58 -10.39
N LEU A 155 2.56 -15.91 -9.77
CA LEU A 155 3.96 -16.10 -10.15
C LEU A 155 4.43 -17.53 -9.97
N ARG A 156 5.29 -17.94 -10.89
CA ARG A 156 5.91 -19.26 -10.85
C ARG A 156 7.37 -19.06 -10.52
N GLN A 157 8.02 -20.14 -10.11
CA GLN A 157 9.41 -20.06 -9.67
C GLN A 157 10.34 -19.56 -10.78
N ARG A 158 9.98 -19.81 -12.03
CA ARG A 158 10.79 -19.32 -13.17
C ARG A 158 10.81 -17.79 -13.27
N HIS A 159 9.84 -17.14 -12.62
CA HIS A 159 9.66 -15.68 -12.77
C HIS A 159 10.56 -14.86 -11.87
N VAL A 160 11.33 -15.54 -11.02
CA VAL A 160 12.21 -14.83 -10.09
C VAL A 160 13.63 -15.40 -10.12
N VAL A 161 14.63 -14.50 -10.17
CA VAL A 161 16.02 -14.89 -10.08
C VAL A 161 16.64 -14.13 -8.92
N VAL A 162 17.29 -14.88 -8.02
CA VAL A 162 17.97 -14.29 -6.87
C VAL A 162 19.48 -14.34 -7.09
N ASP A 163 20.11 -13.16 -6.99
CA ASP A 163 21.56 -13.02 -7.08
C ASP A 163 22.03 -12.18 -5.90
N GLY A 164 22.65 -12.85 -4.93
CA GLY A 164 23.00 -12.23 -3.66
C GLY A 164 21.76 -11.64 -3.01
N ASN A 165 21.78 -10.34 -2.77
CA ASN A 165 20.66 -9.66 -2.13
C ASN A 165 19.64 -9.10 -3.12
N THR A 166 19.88 -9.29 -4.42
CA THR A 166 19.00 -8.77 -5.46
C THR A 166 18.01 -9.83 -5.94
N VAL A 167 16.75 -9.43 -5.97
CA VAL A 167 15.65 -10.28 -6.41
C VAL A 167 15.08 -9.64 -7.66
N THR A 168 15.12 -10.36 -8.78
CA THR A 168 14.65 -9.80 -10.04
C THR A 168 13.46 -10.61 -10.53
N PHE A 169 12.35 -9.91 -10.77
CA PHE A 169 11.12 -10.53 -11.27
C PHE A 169 10.96 -10.19 -12.74
N ARG A 170 10.70 -11.22 -13.56
CA ARG A 170 10.39 -11.03 -14.97
C ARG A 170 9.24 -11.94 -15.35
N PHE A 171 8.14 -11.33 -15.78
CA PHE A 171 6.97 -12.11 -16.19
C PHE A 171 6.08 -11.31 -17.12
N LYS A 172 5.24 -12.04 -17.86
CA LYS A 172 4.23 -11.40 -18.68
C LYS A 172 2.99 -11.22 -17.82
N GLY A 173 2.53 -9.97 -17.71
CA GLY A 173 1.37 -9.65 -16.87
C GLY A 173 0.11 -9.53 -17.69
N LYS A 174 -0.83 -8.74 -17.17
CA LYS A 174 -2.14 -8.55 -17.79
C LYS A 174 -2.00 -8.13 -19.26
N HIS A 175 -2.79 -8.77 -20.12
CA HIS A 175 -2.70 -8.54 -21.57
C HIS A 175 -1.31 -8.80 -22.16
N GLY A 176 -0.55 -9.67 -21.49
CA GLY A 176 0.78 -10.05 -21.95
C GLY A 176 1.85 -8.98 -21.81
N VAL A 177 1.55 -7.94 -21.03
CA VAL A 177 2.45 -6.79 -20.86
C VAL A 177 3.66 -7.18 -20.02
N SER A 178 4.82 -6.64 -20.38
CA SER A 178 6.07 -6.87 -19.64
C SER A 178 6.04 -6.34 -18.22
N GLN A 179 6.53 -7.16 -17.29
CA GLN A 179 6.79 -6.69 -15.95
C GLN A 179 8.19 -7.12 -15.59
N HIS A 180 9.08 -6.15 -15.40
CA HIS A 180 10.43 -6.42 -14.94
C HIS A 180 10.66 -5.51 -13.72
N LYS A 181 10.99 -6.13 -12.60
CA LYS A 181 11.15 -5.41 -11.34
C LYS A 181 12.30 -6.03 -10.60
N ALA A 182 13.19 -5.20 -10.08
CA ALA A 182 14.28 -5.71 -9.27
C ALA A 182 14.34 -4.93 -7.97
N THR A 183 14.53 -5.64 -6.87
CA THR A 183 14.70 -5.00 -5.57
C THR A 183 15.87 -5.63 -4.82
N SER A 184 16.54 -4.83 -4.01
CA SER A 184 17.64 -5.32 -3.20
C SER A 184 17.27 -5.22 -1.73
N ASP A 185 17.13 -6.38 -1.10
CA ASP A 185 16.79 -6.47 0.31
C ASP A 185 17.21 -7.83 0.83
N ARG A 186 18.07 -7.82 1.84
CA ARG A 186 18.63 -9.05 2.40
C ARG A 186 17.55 -10.03 2.87
N THR A 187 16.57 -9.52 3.61
CA THR A 187 15.51 -10.39 4.15
C THR A 187 14.53 -10.84 3.08
N LEU A 188 14.34 -9.99 2.08
CA LEU A 188 13.52 -10.36 0.93
C LEU A 188 14.19 -11.49 0.15
N ALA A 189 15.47 -11.31 -0.19
CA ALA A 189 16.24 -12.33 -0.91
C ALA A 189 16.31 -13.65 -0.14
N ALA A 190 16.56 -13.56 1.17
CA ALA A 190 16.61 -14.74 2.04
C ALA A 190 15.29 -15.49 2.04
N ASN A 191 14.19 -14.76 2.10
CA ASN A 191 12.86 -15.36 2.06
C ASN A 191 12.50 -15.92 0.69
N GLN A 193 14.69 -17.10 -1.39
CA GLN A 193 15.51 -18.31 -1.46
C GLN A 193 14.84 -19.47 -0.71
N LYS A 194 14.21 -19.16 0.44
CA LYS A 194 13.44 -20.15 1.18
C LYS A 194 12.27 -20.69 0.36
N LEU A 195 11.60 -19.80 -0.38
CA LEU A 195 10.49 -20.19 -1.25
C LEU A 195 10.97 -21.04 -2.43
N LEU A 196 12.12 -20.67 -2.98
CA LEU A 196 12.68 -21.40 -4.12
C LEU A 196 13.20 -22.78 -3.73
N ASP A 197 13.35 -23.01 -2.43
CA ASP A 197 13.75 -24.33 -1.92
C ASP A 197 12.60 -25.34 -1.97
N LEU A 198 11.38 -24.85 -2.11
CA LEU A 198 10.19 -25.69 -2.18
C LEU A 198 9.96 -26.16 -3.61
N PRO A 199 9.32 -27.34 -3.78
CA PRO A 199 8.99 -27.82 -5.13
C PRO A 199 8.09 -26.83 -5.87
N GLY A 200 8.38 -26.61 -7.15
CA GLY A 200 7.56 -25.75 -7.99
C GLY A 200 6.32 -26.44 -8.51
N PRO A 201 5.63 -25.82 -9.49
CA PRO A 201 6.06 -24.58 -10.18
C PRO A 201 5.72 -23.26 -9.48
N TRP A 202 4.86 -23.29 -8.47
CA TRP A 202 4.35 -22.04 -7.89
C TRP A 202 5.31 -21.40 -6.90
N LEU A 203 5.38 -20.06 -6.94
CA LEU A 203 6.36 -19.34 -6.15
C LEU A 203 5.91 -19.11 -4.71
N PHE A 204 4.73 -18.54 -4.55
CA PHE A 204 4.25 -18.15 -3.23
C PHE A 204 3.46 -19.27 -2.57
N GLN A 205 4.17 -20.00 -1.73
CA GLN A 205 3.64 -21.16 -1.04
C GLN A 205 3.88 -21.02 0.44
N THR A 206 3.00 -21.61 1.23
CA THR A 206 3.21 -21.76 2.66
C THR A 206 3.43 -23.24 2.99
N VAL A 207 4.32 -23.51 3.93
CA VAL A 207 4.65 -24.89 4.31
C VAL A 207 4.88 -25.01 5.82
N ASP A 208 4.57 -26.19 6.36
CA ASP A 208 4.88 -26.50 7.76
C ASP A 208 6.34 -26.92 7.91
N ALA A 209 6.79 -27.11 9.15
CA ALA A 209 8.18 -27.44 9.43
C ALA A 209 8.63 -28.77 8.82
N GLY A 210 7.76 -29.78 8.92
CA GLY A 210 8.04 -31.13 8.41
C GLY A 210 8.16 -31.22 6.90
N GLY A 211 7.42 -30.36 6.21
CA GLY A 211 7.45 -30.29 4.74
C GLY A 211 6.28 -30.99 4.07
N GLY A 212 5.55 -31.77 4.85
CA GLY A 212 4.43 -32.56 4.34
C GLY A 212 3.17 -31.77 3.99
N GLU A 213 2.99 -30.61 4.62
CA GLU A 213 1.83 -29.77 4.32
C GLU A 213 2.23 -28.46 3.65
N ARG A 214 1.91 -28.37 2.36
CA ARG A 214 2.30 -27.24 1.53
C ARG A 214 1.17 -26.87 0.58
N ARG A 215 0.90 -25.58 0.47
CA ARG A 215 -0.13 -25.08 -0.42
C ARG A 215 0.21 -23.67 -0.91
N ARG A 216 -0.44 -23.26 -1.99
CA ARG A 216 -0.28 -21.91 -2.53
C ARG A 216 -1.04 -20.89 -1.71
N ILE A 217 -0.54 -19.67 -1.69
CA ILE A 217 -1.31 -18.51 -1.26
C ILE A 217 -2.03 -17.96 -2.50
N HIS A 218 -3.36 -17.89 -2.43
CA HIS A 218 -4.11 -17.35 -3.55
C HIS A 218 -4.54 -15.91 -3.31
N SER A 219 -5.02 -15.27 -4.38
CA SER A 219 -5.41 -13.85 -4.36
C SER A 219 -6.47 -13.53 -3.31
N THR A 220 -7.44 -14.43 -3.13
CA THR A 220 -8.51 -14.21 -2.15
C THR A 220 -7.89 -14.08 -0.75
N GLU A 221 -6.99 -14.99 -0.44
CA GLU A 221 -6.32 -15.03 0.86
C GLU A 221 -5.50 -13.75 1.06
N LEU A 222 -4.75 -13.37 0.03
CA LEU A 222 -3.94 -12.15 0.10
C LEU A 222 -4.81 -10.92 0.28
N ASN A 223 -5.90 -10.85 -0.48
CA ASN A 223 -6.80 -9.69 -0.40
C ASN A 223 -7.44 -9.58 0.97
N ALA A 224 -7.72 -10.71 1.59
CA ALA A 224 -8.21 -10.75 2.98
C ALA A 224 -7.17 -10.20 3.95
N TYR A 225 -5.91 -10.56 3.73
CA TYR A 225 -4.80 -10.06 4.56
C TYR A 225 -4.68 -8.54 4.44
N LEU A 226 -4.81 -8.05 3.21
CA LEU A 226 -4.79 -6.62 2.93
C LEU A 226 -5.95 -5.89 3.62
N ARG A 227 -7.13 -6.51 3.62
CA ARG A 227 -8.26 -5.93 4.34
C ARG A 227 -7.88 -5.66 5.80
N GLU A 228 -7.22 -6.62 6.42
CA GLU A 228 -6.75 -6.48 7.80
C GLU A 228 -5.73 -5.35 7.95
N VAL A 229 -4.68 -5.39 7.15
CA VAL A 229 -3.53 -4.50 7.34
C VAL A 229 -3.70 -3.08 6.77
N ILE A 230 -4.41 -2.95 5.65
CA ILE A 230 -4.60 -1.63 5.02
C ILE A 230 -6.06 -1.19 4.79
N GLY A 231 -7.02 -2.06 5.05
CA GLY A 231 -8.44 -1.69 4.87
C GLY A 231 -8.75 -0.38 5.57
N PRO A 232 -9.51 0.53 4.92
CA PRO A 232 -10.32 0.38 3.70
C PRO A 232 -9.55 0.51 2.38
N PHE A 233 -8.25 0.71 2.44
CA PHE A 233 -7.45 0.75 1.24
C PHE A 233 -7.30 -0.67 0.69
N THR A 234 -6.96 -0.77 -0.58
CA THR A 234 -6.90 -2.06 -1.28
C THR A 234 -5.57 -2.19 -2.02
N ALA A 235 -5.34 -3.34 -2.65
CA ALA A 235 -4.12 -3.53 -3.45
C ALA A 235 -3.92 -2.45 -4.52
N LYS A 236 -5.02 -1.94 -5.09
CA LYS A 236 -4.92 -0.91 -6.13
C LYS A 236 -4.22 0.34 -5.63
N ASP A 237 -4.41 0.65 -4.36
CA ASP A 237 -3.80 1.86 -3.79
C ASP A 237 -2.27 1.82 -3.83
N PHE A 238 -1.68 0.63 -3.77
CA PHE A 238 -0.22 0.55 -3.93
C PHE A 238 0.23 1.05 -5.30
N ARG A 239 -0.61 0.85 -6.30
CA ARG A 239 -0.24 1.20 -7.67
C ARG A 239 -0.54 2.67 -8.00
N THR A 240 -1.64 3.20 -7.47
CA THR A 240 -1.92 4.63 -7.65
C THR A 240 -0.90 5.46 -6.86
N TRP A 241 -0.68 5.10 -5.60
CA TRP A 241 0.34 5.76 -4.78
C TRP A 241 1.72 5.58 -5.40
N GLY A 242 2.07 4.34 -5.71
CA GLY A 242 3.39 4.02 -6.26
C GLY A 242 3.64 4.69 -7.61
N GLY A 243 2.63 4.67 -8.47
CA GLY A 243 2.68 5.33 -9.78
C GLY A 243 2.85 6.83 -9.64
N THR A 244 2.13 7.42 -8.69
CA THR A 244 2.20 8.87 -8.45
C THR A 244 3.59 9.24 -7.91
N LEU A 245 4.10 8.43 -6.99
CA LEU A 245 5.43 8.65 -6.41
C LEU A 245 6.52 8.52 -7.49
N LEU A 246 6.44 7.47 -8.30
CA LEU A 246 7.40 7.27 -9.39
C LEU A 246 7.37 8.45 -10.36
N ALA A 247 6.17 8.89 -10.71
CA ALA A 247 6.00 10.08 -11.56
C ALA A 247 6.63 11.31 -10.93
N ALA A 248 6.35 11.55 -9.66
CA ALA A 248 6.88 12.73 -8.96
C ALA A 248 8.41 12.73 -8.92
N GLU A 249 8.99 11.55 -8.67
CA GLU A 249 10.44 11.36 -8.66
C GLU A 249 11.06 11.56 -10.04
N TYR A 250 10.38 11.04 -11.06
CA TYR A 250 10.80 11.22 -12.46
C TYR A 250 10.90 12.71 -12.81
N LEU A 251 9.85 13.46 -12.48
CA LEU A 251 9.79 14.90 -12.77
C LEU A 251 10.87 15.69 -12.01
N ALA A 252 11.08 15.34 -10.74
CA ALA A 252 12.10 15.97 -9.91
C ALA A 252 13.49 15.73 -10.49
N GLN A 253 13.72 14.51 -10.98
CA GLN A 253 15.00 14.13 -11.59
C GLN A 253 15.26 14.87 -12.90
N GLN A 254 14.23 14.98 -13.74
CA GLN A 254 14.36 15.68 -15.02
C GLN A 254 14.54 17.16 -14.81
N GLY A 255 13.91 17.69 -13.78
CA GLY A 255 13.92 19.12 -13.51
C GLY A 255 12.86 19.84 -14.33
N THR A 256 12.48 21.02 -13.86
CA THR A 256 11.45 21.83 -14.52
C THR A 256 11.90 22.37 -15.88
N GLU A 257 10.92 22.77 -16.69
CA GLU A 257 11.18 23.34 -18.01
C GLU A 257 10.60 24.75 -18.11
N SER A 258 11.32 25.65 -18.78
CA SER A 258 10.85 27.02 -18.97
C SER A 258 9.70 27.15 -19.97
N SER A 259 9.77 26.35 -21.04
CA SER A 259 8.74 26.33 -22.10
C SER A 259 7.55 25.45 -21.69
N GLU A 260 6.32 25.96 -21.87
CA GLU A 260 5.12 25.17 -21.60
C GLU A 260 5.04 23.96 -22.51
N ARG A 261 5.40 24.17 -23.78
CA ARG A 261 5.42 23.10 -24.76
C ARG A 261 6.40 22.00 -24.34
N GLN A 262 7.57 22.40 -23.85
CA GLN A 262 8.58 21.46 -23.38
C GLN A 262 8.17 20.75 -22.09
N ALA A 263 7.64 21.51 -21.14
CA ALA A 263 7.18 20.94 -19.87
C ALA A 263 6.10 19.89 -20.09
N LYS A 264 5.19 20.15 -21.03
CA LYS A 264 4.12 19.21 -21.36
C LYS A 264 4.64 17.97 -22.07
N LYS A 265 5.67 18.15 -22.90
CA LYS A 265 6.38 17.02 -23.51
C LYS A 265 7.02 16.11 -22.45
N VAL A 266 7.64 16.71 -21.43
CA VAL A 266 8.18 15.96 -20.30
C VAL A 266 7.07 15.16 -19.59
N LEU A 267 5.88 15.76 -19.45
CA LEU A 267 4.75 15.05 -18.83
C LEU A 267 4.37 13.81 -19.63
N VAL A 268 4.31 13.95 -20.96
CA VAL A 268 4.05 12.81 -21.85
C VAL A 268 5.11 11.72 -21.68
N ASP A 269 6.38 12.11 -21.61
CA ASP A 269 7.47 11.17 -21.36
C ASP A 269 7.31 10.47 -20.01
N CYS A 270 6.95 11.24 -18.99
CA CYS A 270 6.76 10.72 -17.63
C CYS A 270 5.65 9.67 -17.60
N VAL A 271 4.52 9.96 -18.26
CA VAL A 271 3.43 8.99 -18.39
C VAL A 271 3.91 7.70 -19.03
N LYS A 272 4.68 7.81 -20.11
CA LYS A 272 5.21 6.63 -20.81
C LYS A 272 6.07 5.77 -19.88
N PHE A 273 6.93 6.44 -19.11
CA PHE A 273 7.82 5.80 -18.15
C PHE A 273 7.05 5.03 -17.08
N VAL A 274 6.08 5.71 -16.46
CA VAL A 274 5.26 5.12 -15.43
C VAL A 274 4.35 4.02 -16.00
N ALA A 275 3.76 4.26 -17.16
CA ALA A 275 2.92 3.23 -17.81
C ALA A 275 3.71 1.95 -18.02
N ASP A 276 4.94 2.07 -18.50
CA ASP A 276 5.82 0.93 -18.74
C ASP A 276 6.08 0.18 -17.44
N ASP A 277 6.39 0.91 -16.38
CA ASP A 277 6.59 0.31 -15.08
C ASP A 277 5.33 -0.45 -14.62
N LEU A 278 4.17 0.18 -14.74
CA LEU A 278 2.94 -0.36 -14.15
C LEU A 278 2.27 -1.45 -14.99
N GLY A 279 2.71 -1.58 -16.23
CA GLY A 279 2.06 -2.53 -17.15
C GLY A 279 0.69 -2.04 -17.57
N ASN A 280 0.60 -0.72 -17.80
CA ASN A 280 -0.62 -0.06 -18.24
C ASN A 280 -0.38 0.67 -19.53
N THR A 281 -1.47 1.08 -20.18
CA THR A 281 -1.35 1.97 -21.32
C THR A 281 -1.09 3.38 -20.77
N PRO A 282 -0.45 4.25 -21.59
CA PRO A 282 -0.34 5.66 -21.18
C PRO A 282 -1.67 6.34 -20.81
N ALA A 283 -2.72 6.08 -21.57
CA ALA A 283 -4.04 6.68 -21.31
C ALA A 283 -4.54 6.37 -19.90
N VAL A 284 -4.52 5.08 -19.55
CA VAL A 284 -5.04 4.63 -18.26
C VAL A 284 -4.13 5.15 -17.14
N THR A 285 -2.83 5.18 -17.42
CA THR A 285 -1.87 5.70 -16.43
C THR A 285 -2.12 7.17 -16.08
N ARG A 286 -2.27 8.01 -17.10
CA ARG A 286 -2.54 9.43 -16.87
C ARG A 286 -3.96 9.64 -16.34
N GLY A 287 -4.88 8.79 -16.79
CA GLY A 287 -6.28 8.88 -16.40
C GLY A 287 -6.52 8.53 -14.93
N SER A 288 -5.81 7.54 -14.42
CA SER A 288 -6.21 6.90 -13.16
C SER A 288 -5.11 6.61 -12.16
N TYR A 289 -3.86 6.64 -12.60
CA TYR A 289 -2.78 6.18 -11.76
C TYR A 289 -1.95 7.33 -11.22
N ILE A 290 -1.43 8.19 -12.10
CA ILE A 290 -0.70 9.37 -11.66
C ILE A 290 -1.69 10.46 -11.22
N CYS A 291 -1.66 10.80 -9.93
CA CYS A 291 -2.52 11.87 -9.43
C CYS A 291 -2.14 13.17 -10.16
N PRO A 292 -3.09 13.79 -10.86
CA PRO A 292 -2.71 14.90 -11.74
C PRO A 292 -2.24 16.14 -10.99
N VAL A 293 -2.50 16.21 -9.69
CA VAL A 293 -1.92 17.27 -8.85
C VAL A 293 -0.40 17.40 -9.08
N ILE A 294 0.29 16.27 -9.20
CA ILE A 294 1.76 16.33 -9.38
C ILE A 294 2.15 16.98 -10.72
N PHE A 295 1.28 16.82 -11.71
CA PHE A 295 1.48 17.41 -13.03
C PHE A 295 1.15 18.90 -13.01
N ASP A 296 0.08 19.27 -12.31
CA ASP A 296 -0.28 20.69 -12.10
C ASP A 296 0.91 21.43 -11.51
N ARG A 297 1.51 20.84 -10.48
CA ARG A 297 2.65 21.47 -9.81
C ARG A 297 3.84 21.62 -10.72
N TYR A 298 4.15 20.56 -11.47
CA TYR A 298 5.28 20.56 -12.39
C TYR A 298 5.16 21.65 -13.46
N LEU A 299 3.96 21.77 -14.02
CA LEU A 299 3.73 22.82 -15.01
C LEU A 299 3.83 24.22 -14.41
N ASP A 300 3.67 24.31 -13.09
CA ASP A 300 3.87 25.56 -12.37
C ASP A 300 5.26 25.66 -11.74
N GLY A 301 6.16 24.77 -12.17
CA GLY A 301 7.58 24.87 -11.79
C GLY A 301 7.94 24.31 -10.43
N LYS A 302 7.10 23.41 -9.91
CA LYS A 302 7.28 22.86 -8.57
C LYS A 302 7.45 21.35 -8.62
N VAL A 303 8.36 20.85 -7.80
CA VAL A 303 8.63 19.40 -7.73
C VAL A 303 8.67 18.90 -6.28
N LEU A 304 8.80 17.58 -6.11
CA LEU A 304 8.83 16.97 -4.77
C LEU A 304 9.65 17.76 -3.75
N ASP A 305 10.85 18.16 -4.18
CA ASP A 305 11.84 18.88 -3.33
C ASP A 305 11.22 20.06 -2.61
N ASP A 306 10.38 20.79 -3.35
CA ASP A 306 9.77 22.00 -2.87
C ASP A 306 8.80 21.76 -1.72
N TYR A 307 8.49 20.49 -1.46
CA TYR A 307 7.48 20.17 -0.46
C TYR A 307 8.02 19.50 0.79
N GLU A 308 9.33 19.55 0.96
CA GLU A 308 9.97 18.98 2.13
C GLU A 308 9.56 19.73 3.40
N PRO A 309 9.47 19.01 4.54
CA PRO A 309 9.07 19.72 5.76
C PRO A 309 10.03 20.85 6.12
N ARG A 310 9.48 21.90 6.73
CA ARG A 310 10.27 23.08 7.10
C ARG A 310 10.37 23.27 8.61
N THR A 311 9.68 22.42 9.36
CA THR A 311 9.75 22.43 10.82
C THR A 311 9.76 21.00 11.36
N GLU A 312 10.17 20.87 12.61
CA GLU A 312 10.09 19.62 13.37
C GLU A 312 8.68 19.04 13.39
N ARG A 313 7.71 19.90 13.68
CA ARG A 313 6.29 19.52 13.68
C ARG A 313 5.90 18.89 12.35
N GLN A 314 6.25 19.55 11.24
CA GLN A 314 5.98 19.01 9.90
C GLN A 314 6.69 17.67 9.66
N GLU A 315 7.92 17.53 10.15
CA GLU A 315 8.65 16.28 9.98
C GLU A 315 8.04 15.16 10.84
N ALA A 316 7.53 15.53 12.01
CA ALA A 316 6.88 14.60 12.94
C ALA A 316 5.60 14.01 12.35
N GLU A 317 4.88 14.84 11.59
CA GLU A 317 3.65 14.44 10.90
C GLU A 317 3.93 13.34 9.87
N LEU A 318 5.20 13.20 9.48
CA LEU A 318 5.63 12.29 8.41
C LEU A 318 6.40 11.07 8.92
N GLU A 319 6.32 10.85 10.23
CA GLU A 319 6.99 9.73 10.90
C GLU A 319 6.64 8.41 10.22
N GLY A 320 7.67 7.61 9.92
CA GLY A 320 7.46 6.31 9.30
C GLY A 320 7.48 6.32 7.79
N LEU A 321 7.49 7.52 7.21
CA LEU A 321 7.63 7.69 5.77
C LEU A 321 9.05 8.05 5.40
N THR A 322 9.44 7.66 4.18
CA THR A 322 10.73 8.06 3.60
C THR A 322 10.69 9.52 3.20
N ARG A 323 11.84 10.10 2.88
CA ARG A 323 11.92 11.48 2.44
C ARG A 323 10.99 11.74 1.25
N SER A 324 11.06 10.87 0.24
CA SER A 324 10.27 11.00 -0.98
C SER A 324 8.79 10.83 -0.69
N GLU A 325 8.46 9.85 0.13
CA GLU A 325 7.06 9.58 0.50
C GLU A 325 6.45 10.78 1.20
N GLY A 326 7.21 11.33 2.14
CA GLY A 326 6.78 12.48 2.96
C GLY A 326 6.59 13.73 2.12
N ALA A 327 7.52 13.94 1.20
CA ALA A 327 7.43 15.08 0.28
C ALA A 327 6.23 14.95 -0.64
N LEU A 328 5.95 13.73 -1.10
CA LEU A 328 4.73 13.51 -1.89
C LEU A 328 3.48 13.78 -1.09
N LYS A 329 3.45 13.33 0.17
CA LYS A 329 2.28 13.57 1.02
C LYS A 329 2.04 15.06 1.15
N ARG A 330 3.11 15.81 1.44
CA ARG A 330 2.96 17.25 1.58
C ARG A 330 2.55 17.93 0.28
N LEU A 332 0.67 16.61 -2.07
CA LEU A 332 -0.76 16.34 -2.21
C LEU A 332 -1.58 17.18 -1.23
N GLU A 333 -1.06 17.33 -0.01
CA GLU A 333 -1.72 18.13 1.03
C GLU A 333 -1.86 19.61 0.64
N SER A 334 -0.97 20.10 -0.22
CA SER A 334 -1.04 21.47 -0.70
C SER A 334 -2.31 21.77 -1.51
N GLU A 335 -3.04 20.72 -1.88
CA GLU A 335 -4.32 20.85 -2.57
C GLU A 335 -5.47 21.22 -1.61
N ARG A 336 -5.24 21.05 -0.31
CA ARG A 336 -6.23 21.38 0.72
C ARG A 336 -6.48 22.88 0.80
N THR A 337 -7.66 23.24 1.24
CA THR A 337 -7.97 24.62 1.59
C THR A 337 -7.71 24.85 3.08
#